data_3UP1
#
_entry.id   3UP1
#
_cell.length_a   81.424
_cell.length_b   101.259
_cell.length_c   151.994
_cell.angle_alpha   90.00
_cell.angle_beta   90.00
_cell.angle_gamma   90.00
#
_symmetry.space_group_name_H-M   'I 2 2 2'
#
loop_
_entity.id
_entity.type
_entity.pdbx_description
1 polymer 'Interleukin-7 receptor subunit alpha'
2 branched 2-acetamido-2-deoxy-beta-D-glucopyranose-(1-4)-2-acetamido-2-deoxy-beta-D-glucopyranose
3 non-polymer alpha-L-fucopyranose
4 non-polymer 'SULFATE ION'
5 non-polymer GLYCEROL
6 non-polymer 2-acetamido-2-deoxy-beta-D-galactopyranose
7 water water
#
_entity_poly.entity_id   1
_entity_poly.type   'polypeptide(L)'
_entity_poly.pdbx_seq_one_letter_code
;GSHMESGYAQNGDLEDAELDDYSFSCYSQLEVNGSQHSLTCAFEDPDVNTTNLEFEICGALVEVKCLNFRKLQEIYFIET
KKFLLIGKSNICVKVGEKSLTCKKIDLTTIVKPEAPFDLSVVYREGANDFVVTFNTSHLQKKYVKVLMHDVAYRQEKDEN
KWTHVNLSSTKLTLLQRKLQPAAMYEIKVRSIPDHYFKGFWSEWSPSYYFRTPEINNSSGEMD
;
_entity_poly.pdbx_strand_id   A,B
#
# COMPACT_ATOMS: atom_id res chain seq x y z
N ASP A 16 36.11 0.63 -20.32
CA ASP A 16 36.21 1.08 -18.93
C ASP A 16 34.86 1.09 -18.19
N ALA A 17 34.69 2.02 -17.26
CA ALA A 17 33.48 2.09 -16.44
C ALA A 17 32.22 2.28 -17.28
N GLU A 18 31.15 1.60 -16.86
CA GLU A 18 29.90 1.61 -17.62
C GLU A 18 28.71 1.87 -16.70
N LEU A 19 27.68 2.52 -17.22
CA LEU A 19 26.43 2.76 -16.49
C LEU A 19 25.88 1.49 -15.83
N ASP A 20 25.99 0.37 -16.55
CA ASP A 20 25.51 -0.92 -16.05
C ASP A 20 26.17 -1.31 -14.74
N ASP A 21 27.40 -0.82 -14.53
CA ASP A 21 28.11 -1.07 -13.29
C ASP A 21 27.29 -0.65 -12.08
N TYR A 22 26.38 0.31 -12.27
CA TYR A 22 25.60 0.88 -11.18
C TYR A 22 24.14 0.37 -11.09
N SER A 23 23.87 -0.76 -11.72
CA SER A 23 22.58 -1.44 -11.54
C SER A 23 22.49 -1.94 -10.11
N PHE A 24 21.30 -1.88 -9.53
CA PHE A 24 21.12 -2.32 -8.16
C PHE A 24 19.80 -3.06 -7.94
N SER A 25 19.65 -3.64 -6.75
CA SER A 25 18.39 -4.28 -6.34
C SER A 25 18.12 -3.96 -4.88
N CYS A 26 16.85 -4.06 -4.49
CA CYS A 26 16.45 -3.75 -3.11
C CYS A 26 15.51 -4.79 -2.51
N TYR A 27 15.44 -4.84 -1.20
CA TYR A 27 14.37 -5.55 -0.53
C TYR A 27 13.88 -4.76 0.67
N SER A 28 12.58 -4.83 0.92
CA SER A 28 11.96 -4.20 2.07
C SER A 28 11.73 -5.26 3.16
N GLN A 29 11.79 -4.86 4.42
CA GLN A 29 11.22 -5.72 5.47
C GLN A 29 10.20 -4.89 6.21
N LEU A 30 8.97 -5.39 6.27
CA LEU A 30 7.86 -4.61 6.82
C LEU A 30 7.63 -5.00 8.27
N GLU A 31 7.47 -3.98 9.12
CA GLU A 31 7.35 -4.14 10.57
C GLU A 31 8.49 -4.96 11.14
N VAL A 32 9.69 -4.64 10.70
CA VAL A 32 10.87 -5.40 11.06
C VAL A 32 11.26 -5.02 12.48
N ASN A 33 10.86 -3.83 12.90
CA ASN A 33 11.11 -3.38 14.27
C ASN A 33 9.88 -2.66 14.82
N GLY A 34 9.01 -3.40 15.49
CA GLY A 34 7.72 -2.85 15.86
C GLY A 34 7.01 -2.41 14.59
N SER A 35 6.61 -1.14 14.53
CA SER A 35 5.88 -0.65 13.37
C SER A 35 6.84 -0.06 12.31
N GLN A 36 8.12 -0.05 12.63
CA GLN A 36 9.12 0.47 11.71
C GLN A 36 9.53 -0.53 10.63
N HIS A 37 9.62 -0.04 9.39
CA HIS A 37 10.11 -0.84 8.28
C HIS A 37 11.57 -0.59 7.93
N SER A 38 12.09 -1.37 6.99
CA SER A 38 13.43 -1.19 6.51
C SER A 38 13.47 -1.36 5.00
N LEU A 39 14.44 -0.72 4.36
CA LEU A 39 14.68 -0.91 2.96
C LEU A 39 16.17 -1.03 2.80
N THR A 40 16.60 -2.04 2.05
CA THR A 40 18.04 -2.28 1.86
C THR A 40 18.34 -2.36 0.38
N CYS A 41 19.32 -1.59 -0.08
CA CYS A 41 19.72 -1.63 -1.48
C CYS A 41 21.21 -1.91 -1.61
N ALA A 42 21.59 -2.53 -2.73
CA ALA A 42 22.98 -2.92 -2.96
C ALA A 42 23.24 -3.01 -4.45
N PHE A 43 24.44 -2.62 -4.87
CA PHE A 43 24.81 -2.76 -6.27
C PHE A 43 24.96 -4.24 -6.60
N GLU A 44 24.52 -4.62 -7.80
CA GLU A 44 24.54 -6.02 -8.18
C GLU A 44 25.96 -6.49 -8.42
N ASP A 45 26.84 -5.55 -8.74
CA ASP A 45 28.26 -5.83 -8.89
C ASP A 45 28.93 -5.54 -7.56
N PRO A 46 29.54 -6.55 -6.94
CA PRO A 46 30.09 -6.42 -5.60
C PRO A 46 31.42 -5.68 -5.56
N ASP A 47 31.96 -5.34 -6.74
CA ASP A 47 33.29 -4.74 -6.83
C ASP A 47 33.26 -3.26 -7.18
N VAL A 48 32.09 -2.75 -7.53
CA VAL A 48 31.94 -1.34 -7.90
C VAL A 48 32.45 -0.41 -6.82
N ASN A 49 33.26 0.57 -7.23
CA ASN A 49 33.68 1.63 -6.32
C ASN A 49 32.49 2.50 -5.96
N THR A 50 32.08 2.47 -4.69
CA THR A 50 30.89 3.15 -4.25
C THR A 50 31.20 4.46 -3.53
N THR A 51 32.47 4.84 -3.54
CA THR A 51 32.99 5.90 -2.67
C THR A 51 32.12 7.14 -2.59
N ASN A 52 31.76 7.69 -3.75
CA ASN A 52 30.96 8.91 -3.76
C ASN A 52 29.50 8.68 -4.16
N LEU A 53 29.02 7.45 -3.97
CA LEU A 53 27.64 7.12 -4.28
C LEU A 53 26.78 7.02 -3.03
N GLU A 54 25.61 7.64 -3.09
CA GLU A 54 24.65 7.54 -2.01
C GLU A 54 23.33 7.08 -2.63
N PHE A 55 22.38 6.73 -1.77
CA PHE A 55 21.06 6.33 -2.23
C PHE A 55 20.00 7.21 -1.63
N GLU A 56 18.97 7.50 -2.41
CA GLU A 56 17.85 8.28 -1.91
C GLU A 56 16.54 7.65 -2.37
N ILE A 57 15.51 7.76 -1.53
CA ILE A 57 14.19 7.37 -1.97
C ILE A 57 13.24 8.54 -1.91
N CYS A 58 12.49 8.77 -2.98
CA CYS A 58 11.46 9.80 -3.03
C CYS A 58 10.11 9.26 -3.50
N GLY A 59 9.02 9.74 -2.91
CA GLY A 59 7.68 9.36 -3.38
C GLY A 59 7.12 8.17 -2.62
N ALA A 60 5.79 8.20 -2.42
CA ALA A 60 5.06 7.21 -1.63
C ALA A 60 5.62 7.12 -0.22
N LEU A 61 5.93 8.26 0.36
CA LEU A 61 6.37 8.35 1.76
C LEU A 61 5.35 9.21 2.50
N VAL A 62 5.37 9.12 3.83
CA VAL A 62 4.48 9.95 4.64
C VAL A 62 5.21 11.15 5.26
N GLU A 63 4.57 12.32 5.17
CA GLU A 63 5.12 13.57 5.71
C GLU A 63 6.37 14.14 5.02
N VAL A 64 7.11 13.33 4.27
CA VAL A 64 8.26 13.85 3.56
C VAL A 64 8.24 13.49 2.09
N LYS A 65 8.98 14.25 1.30
CA LYS A 65 9.19 13.97 -0.12
C LYS A 65 10.26 12.91 -0.35
N CYS A 66 11.31 12.94 0.46
CA CYS A 66 12.51 12.14 0.17
C CYS A 66 13.17 11.73 1.45
N LEU A 67 13.81 10.56 1.43
CA LEU A 67 14.64 10.15 2.54
C LEU A 67 15.99 9.65 2.03
N ASN A 68 17.05 9.90 2.78
CA ASN A 68 18.37 9.39 2.47
C ASN A 68 18.61 8.01 3.09
N PHE A 69 19.35 7.16 2.39
CA PHE A 69 19.83 5.91 2.96
C PHE A 69 21.13 6.15 3.75
N ARG A 70 21.41 5.32 4.74
CA ARG A 70 22.75 5.27 5.35
C ARG A 70 23.58 4.25 4.61
N LYS A 71 24.87 4.54 4.46
CA LYS A 71 25.79 3.58 3.89
C LYS A 71 26.41 2.75 4.98
N LEU A 72 26.26 1.44 4.88
CA LEU A 72 26.85 0.52 5.84
C LEU A 72 27.68 -0.51 5.12
N GLN A 73 28.90 -0.11 4.75
CA GLN A 73 29.86 -1.01 4.12
C GLN A 73 29.31 -1.69 2.88
N GLU A 74 29.27 -0.95 1.78
CA GLU A 74 28.79 -1.45 0.50
C GLU A 74 27.27 -1.72 0.42
N ILE A 75 26.60 -1.68 1.57
CA ILE A 75 25.14 -1.84 1.59
C ILE A 75 24.44 -0.53 2.01
N TYR A 76 23.30 -0.22 1.41
CA TYR A 76 22.57 1.00 1.75
C TYR A 76 21.25 0.70 2.43
N PHE A 77 20.99 1.41 3.51
CA PHE A 77 19.99 1.00 4.47
C PHE A 77 19.18 2.18 4.99
N ILE A 78 17.88 1.99 5.12
CA ILE A 78 17.07 2.95 5.83
C ILE A 78 16.06 2.23 6.71
N GLU A 79 15.90 2.74 7.92
CA GLU A 79 14.85 2.28 8.82
C GLU A 79 13.91 3.44 8.97
N THR A 80 12.63 3.19 8.69
CA THR A 80 11.63 4.23 8.85
C THR A 80 10.24 3.63 8.92
N LYS A 81 9.31 4.41 9.47
CA LYS A 81 7.90 4.05 9.52
C LYS A 81 7.20 4.73 8.37
N LYS A 82 7.89 5.66 7.72
CA LYS A 82 7.28 6.60 6.78
C LYS A 82 7.03 6.08 5.36
N PHE A 83 6.97 4.76 5.16
CA PHE A 83 6.58 4.22 3.88
C PHE A 83 5.04 4.22 3.80
N LEU A 84 4.49 4.71 2.70
CA LEU A 84 3.05 4.69 2.48
C LEU A 84 2.57 3.26 2.23
N LEU A 85 3.41 2.47 1.56
CA LEU A 85 3.05 1.11 1.12
C LEU A 85 1.88 1.09 0.14
N ILE A 86 1.67 2.22 -0.54
CA ILE A 86 0.69 2.31 -1.61
C ILE A 86 1.39 2.99 -2.77
N GLY A 87 1.44 2.36 -3.93
CA GLY A 87 2.09 2.97 -5.08
C GLY A 87 3.59 2.75 -5.10
N LYS A 88 4.25 3.33 -6.10
CA LYS A 88 5.67 3.09 -6.32
C LYS A 88 6.51 4.28 -5.90
N SER A 89 7.65 4.02 -5.26
CA SER A 89 8.61 5.04 -4.89
C SER A 89 9.74 5.11 -5.91
N ASN A 90 10.47 6.22 -5.91
CA ASN A 90 11.63 6.32 -6.79
CA ASN A 90 11.63 6.38 -6.79
C ASN A 90 12.91 6.20 -5.98
N ILE A 91 13.72 5.22 -6.35
CA ILE A 91 14.96 4.96 -5.66
C ILE A 91 16.09 5.28 -6.60
N CYS A 92 16.96 6.20 -6.19
CA CYS A 92 17.98 6.75 -7.06
C CYS A 92 19.38 6.61 -6.50
N VAL A 93 20.31 6.28 -7.37
CA VAL A 93 21.71 6.40 -7.06
C VAL A 93 22.04 7.90 -7.17
N LYS A 94 22.68 8.46 -6.15
CA LYS A 94 23.03 9.88 -6.17
C LYS A 94 24.53 10.09 -6.22
N VAL A 95 24.96 10.97 -7.12
CA VAL A 95 26.34 11.41 -7.18
C VAL A 95 26.38 12.85 -6.72
N GLY A 96 26.92 13.09 -5.52
CA GLY A 96 26.69 14.34 -4.85
C GLY A 96 25.18 14.48 -4.70
N GLU A 97 24.61 15.54 -5.24
CA GLU A 97 23.18 15.77 -5.09
C GLU A 97 22.39 15.50 -6.36
N LYS A 98 23.04 15.00 -7.40
CA LYS A 98 22.36 14.73 -8.66
C LYS A 98 22.06 13.23 -8.83
N SER A 99 20.90 12.93 -9.39
CA SER A 99 20.51 11.55 -9.64
C SER A 99 21.28 10.95 -10.81
N LEU A 100 21.94 9.81 -10.59
CA LEU A 100 22.63 9.12 -11.68
C LEU A 100 21.67 8.22 -12.43
N THR A 101 21.05 7.30 -11.70
CA THR A 101 20.09 6.36 -12.29
C THR A 101 19.07 5.98 -11.23
N CYS A 102 17.83 5.74 -11.66
CA CYS A 102 16.73 5.50 -10.73
C CYS A 102 15.87 4.30 -11.14
N LYS A 103 15.11 3.77 -10.18
CA LYS A 103 14.14 2.71 -10.42
C LYS A 103 12.87 3.04 -9.67
N LYS A 104 11.72 2.94 -10.34
CA LYS A 104 10.45 3.03 -9.66
C LYS A 104 10.14 1.67 -9.05
N ILE A 105 9.85 1.64 -7.74
CA ILE A 105 9.65 0.39 -7.05
C ILE A 105 8.46 0.49 -6.09
N ASP A 106 7.55 -0.47 -6.18
CA ASP A 106 6.48 -0.62 -5.21
C ASP A 106 7.07 -1.42 -4.08
N LEU A 107 7.15 -0.83 -2.89
CA LEU A 107 7.81 -1.47 -1.74
C LEU A 107 7.12 -2.75 -1.23
N THR A 108 5.86 -2.96 -1.62
CA THR A 108 5.15 -4.17 -1.20
C THR A 108 5.44 -5.35 -2.14
N THR A 109 6.26 -5.12 -3.17
CA THR A 109 6.60 -6.19 -4.13
C THR A 109 8.03 -6.70 -4.02
N ILE A 110 8.76 -6.23 -3.01
CA ILE A 110 10.15 -6.64 -2.85
C ILE A 110 10.40 -7.01 -1.39
N VAL A 111 9.38 -7.57 -0.77
CA VAL A 111 9.42 -7.88 0.65
C VAL A 111 10.26 -9.13 0.91
N LYS A 112 11.25 -9.01 1.79
CA LYS A 112 12.00 -10.17 2.24
C LYS A 112 11.57 -10.47 3.67
N PRO A 113 10.93 -11.63 3.88
CA PRO A 113 10.51 -11.91 5.25
C PRO A 113 11.71 -12.14 6.17
N GLU A 114 11.49 -11.96 7.47
CA GLU A 114 12.44 -12.35 8.47
C GLU A 114 12.51 -13.89 8.47
N ALA A 115 13.68 -14.45 8.78
CA ALA A 115 13.89 -15.91 8.71
C ALA A 115 13.14 -16.62 9.81
N PRO A 116 12.66 -17.85 9.56
CA PRO A 116 12.09 -18.63 10.68
C PRO A 116 13.14 -18.93 11.76
N PHE A 117 12.72 -19.30 12.96
CA PHE A 117 13.65 -19.60 14.07
C PHE A 117 13.05 -20.66 14.99
N ASP A 118 13.82 -21.07 16.00
CA ASP A 118 13.37 -22.07 16.97
C ASP A 118 12.74 -23.30 16.28
N LEU A 119 13.53 -23.91 15.43
CA LEU A 119 13.19 -25.16 14.80
C LEU A 119 13.14 -26.23 15.90
N SER A 120 12.33 -27.26 15.68
CA SER A 120 12.21 -28.38 16.62
C SER A 120 11.74 -29.59 15.83
N VAL A 121 12.33 -30.74 16.11
CA VAL A 121 11.92 -32.00 15.52
C VAL A 121 11.87 -33.05 16.61
N VAL A 122 10.72 -33.69 16.78
CA VAL A 122 10.56 -34.70 17.82
C VAL A 122 9.87 -35.95 17.26
N TYR A 123 10.49 -37.11 17.46
CA TYR A 123 9.89 -38.40 17.09
C TYR A 123 8.75 -38.74 18.05
N ARG A 124 7.61 -39.09 17.48
CA ARG A 124 6.48 -39.58 18.28
C ARG A 124 6.40 -41.09 18.13
N GLU A 125 6.65 -41.80 19.23
CA GLU A 125 6.72 -43.26 19.21
C GLU A 125 5.42 -43.94 18.75
N GLY A 126 4.29 -43.47 19.26
CA GLY A 126 3.03 -44.06 18.86
C GLY A 126 2.83 -43.98 17.36
N ALA A 127 3.05 -42.81 16.79
CA ALA A 127 2.63 -42.52 15.43
C ALA A 127 3.65 -42.85 14.33
N ASN A 128 4.86 -43.26 14.71
CA ASN A 128 5.94 -43.43 13.73
C ASN A 128 6.13 -42.22 12.82
N ASP A 129 6.15 -41.04 13.41
CA ASP A 129 6.47 -39.87 12.60
C ASP A 129 7.26 -38.88 13.43
N PHE A 130 7.67 -37.79 12.78
CA PHE A 130 8.41 -36.71 13.40
C PHE A 130 7.60 -35.44 13.26
N VAL A 131 7.40 -34.74 14.38
CA VAL A 131 6.71 -33.46 14.34
C VAL A 131 7.75 -32.36 14.31
N VAL A 132 7.71 -31.60 13.21
CA VAL A 132 8.63 -30.50 12.96
C VAL A 132 7.85 -29.22 13.23
N THR A 133 8.33 -28.42 14.19
CA THR A 133 7.74 -27.11 14.42
C THR A 133 8.79 -26.03 14.29
N PHE A 134 8.33 -24.83 13.96
CA PHE A 134 9.20 -23.67 13.90
C PHE A 134 8.38 -22.43 14.17
N ASN A 135 9.08 -21.31 14.24
CA ASN A 135 8.49 -20.05 14.63
C ASN A 135 8.82 -18.96 13.63
N THR A 136 8.04 -17.88 13.65
CA THR A 136 8.24 -16.75 12.74
C THR A 136 7.60 -15.50 13.32
N SER A 137 8.27 -14.36 13.17
CA SER A 137 7.78 -13.13 13.79
C SER A 137 6.57 -12.63 13.00
N HIS A 138 6.41 -13.18 11.81
CA HIS A 138 5.38 -12.73 10.88
C HIS A 138 3.99 -13.09 11.40
N LEU A 139 3.92 -14.10 12.26
CA LEU A 139 2.68 -14.45 12.94
C LEU A 139 2.00 -13.26 13.61
N GLN A 140 2.80 -12.33 14.11
CA GLN A 140 2.26 -11.20 14.89
C GLN A 140 2.22 -9.87 14.14
N LYS A 141 2.49 -9.90 12.85
CA LYS A 141 2.54 -8.65 12.09
C LYS A 141 1.15 -8.26 11.59
N LYS A 142 0.98 -6.99 11.26
CA LYS A 142 -0.28 -6.53 10.71
C LYS A 142 -0.32 -6.78 9.21
N TYR A 143 0.84 -6.62 8.57
CA TYR A 143 0.89 -6.56 7.12
C TYR A 143 1.30 -7.89 6.47
N VAL A 144 2.59 -8.23 6.55
CA VAL A 144 3.07 -9.42 5.86
C VAL A 144 2.83 -10.62 6.77
N LYS A 145 1.58 -11.06 6.80
CA LYS A 145 1.11 -12.00 7.81
C LYS A 145 1.03 -13.40 7.20
N VAL A 146 0.80 -13.47 5.89
CA VAL A 146 0.66 -14.74 5.18
C VAL A 146 1.91 -15.07 4.39
N LEU A 147 2.54 -16.19 4.76
CA LEU A 147 3.78 -16.61 4.12
C LEU A 147 3.66 -18.03 3.61
N MET A 148 4.46 -18.38 2.61
CA MET A 148 4.71 -19.77 2.28
CA MET A 148 4.71 -19.77 2.30
C MET A 148 6.09 -20.15 2.86
N HIS A 149 6.15 -21.25 3.57
CA HIS A 149 7.41 -21.78 4.11
C HIS A 149 7.95 -22.92 3.27
N ASP A 150 9.27 -22.94 3.14
CA ASP A 150 9.97 -23.99 2.43
C ASP A 150 10.85 -24.69 3.46
N VAL A 151 10.48 -25.92 3.81
CA VAL A 151 11.25 -26.74 4.74
C VAL A 151 12.14 -27.68 3.92
N ALA A 152 13.45 -27.61 4.16
CA ALA A 152 14.38 -28.46 3.44
C ALA A 152 15.14 -29.37 4.41
N TYR A 153 15.26 -30.64 4.04
CA TYR A 153 15.97 -31.57 4.88
C TYR A 153 16.72 -32.58 4.04
N ARG A 154 17.85 -33.04 4.55
CA ARG A 154 18.70 -34.01 3.87
C ARG A 154 19.49 -34.74 4.93
N GLN A 155 19.95 -35.94 4.58
CA GLN A 155 20.87 -36.65 5.46
C GLN A 155 22.11 -35.79 5.62
N GLU A 156 22.64 -35.77 6.84
CA GLU A 156 23.83 -35.01 7.14
C GLU A 156 24.94 -35.30 6.12
N LYS A 157 25.08 -36.58 5.75
CA LYS A 157 26.07 -36.98 4.75
C LYS A 157 25.51 -36.95 3.32
N ASP A 158 25.18 -35.76 2.83
CA ASP A 158 24.63 -35.62 1.48
C ASP A 158 24.79 -34.23 0.82
N GLU A 159 25.74 -34.13 -0.12
CA GLU A 159 25.64 -33.08 -1.14
C GLU A 159 24.89 -33.71 -2.31
N ASN A 160 24.33 -34.90 -2.06
CA ASN A 160 23.37 -35.53 -2.96
C ASN A 160 21.96 -34.96 -2.68
N LYS A 161 21.87 -34.22 -1.57
CA LYS A 161 20.96 -33.07 -1.47
C LYS A 161 19.53 -33.21 -0.88
N TRP A 162 18.73 -32.18 -1.14
CA TRP A 162 17.61 -31.84 -0.27
C TRP A 162 16.23 -32.23 -0.75
N THR A 163 15.40 -32.64 0.21
CA THR A 163 13.97 -32.79 -0.01
C THR A 163 13.26 -31.53 0.51
N HIS A 164 12.31 -31.01 -0.26
CA HIS A 164 11.59 -29.79 0.12
C HIS A 164 10.11 -30.04 0.38
N VAL A 165 9.58 -29.42 1.42
CA VAL A 165 8.16 -29.37 1.64
C VAL A 165 7.70 -27.91 1.78
N ASN A 166 6.73 -27.50 0.96
CA ASN A 166 6.08 -26.19 1.03
C ASN A 166 4.83 -26.23 1.88
N LEU A 167 4.70 -25.29 2.81
CA LEU A 167 3.53 -25.22 3.69
C LEU A 167 3.28 -23.81 4.20
N SER A 168 2.04 -23.56 4.63
CA SER A 168 1.60 -22.23 5.07
C SER A 168 1.68 -22.11 6.59
N SER A 169 1.59 -23.25 7.27
CA SER A 169 1.52 -23.24 8.73
C SER A 169 2.92 -23.43 9.31
N THR A 170 3.05 -23.47 10.64
CA THR A 170 4.35 -23.64 11.29
C THR A 170 4.56 -25.03 11.90
N LYS A 171 3.81 -26.01 11.39
CA LYS A 171 3.90 -27.38 11.90
C LYS A 171 3.71 -28.34 10.76
N LEU A 172 4.62 -29.30 10.69
CA LEU A 172 4.70 -30.26 9.60
C LEU A 172 4.92 -31.66 10.21
N THR A 173 4.54 -32.71 9.49
CA THR A 173 4.87 -34.09 9.92
C THR A 173 5.75 -34.77 8.87
N LEU A 174 6.83 -35.42 9.31
CA LEU A 174 7.60 -36.29 8.43
C LEU A 174 7.37 -37.75 8.85
N LEU A 175 7.08 -38.60 7.87
CA LEU A 175 6.76 -40.00 8.13
C LEU A 175 8.05 -40.79 8.31
N GLN A 176 8.12 -41.57 9.39
CA GLN A 176 9.28 -42.39 9.64
C GLN A 176 9.62 -43.28 8.46
N ARG A 177 8.60 -43.87 7.83
CA ARG A 177 8.84 -44.79 6.70
C ARG A 177 9.49 -44.10 5.51
N LYS A 178 9.47 -42.77 5.49
CA LYS A 178 10.09 -42.02 4.41
C LYS A 178 11.54 -41.63 4.69
N LEU A 179 12.01 -41.88 5.90
CA LEU A 179 13.39 -41.51 6.28
C LEU A 179 14.30 -42.73 6.51
N GLN A 180 15.59 -42.57 6.28
CA GLN A 180 16.56 -43.61 6.65
C GLN A 180 16.62 -43.78 8.16
N PRO A 181 16.75 -45.03 8.64
CA PRO A 181 16.78 -45.28 10.09
C PRO A 181 18.19 -45.08 10.63
N ALA A 182 18.30 -44.79 11.93
CA ALA A 182 19.59 -44.61 12.59
C ALA A 182 20.48 -43.63 11.82
N ALA A 183 19.90 -42.57 11.30
CA ALA A 183 20.68 -41.66 10.47
C ALA A 183 20.51 -40.23 10.95
N MET A 184 21.53 -39.42 10.67
CA MET A 184 21.51 -38.01 11.07
C MET A 184 20.97 -37.18 9.92
N TYR A 185 19.95 -36.38 10.20
CA TYR A 185 19.36 -35.48 9.23
C TYR A 185 19.65 -34.02 9.55
N GLU A 186 19.76 -33.20 8.50
CA GLU A 186 19.83 -31.76 8.66
C GLU A 186 18.53 -31.20 8.12
N ILE A 187 17.96 -30.24 8.83
CA ILE A 187 16.73 -29.63 8.39
C ILE A 187 16.79 -28.12 8.65
N LYS A 188 16.21 -27.34 7.75
CA LYS A 188 16.14 -25.88 7.91
C LYS A 188 14.90 -25.34 7.18
N VAL A 189 14.52 -24.10 7.47
CA VAL A 189 13.28 -23.53 6.94
C VAL A 189 13.48 -22.06 6.51
N ARG A 190 12.83 -21.66 5.40
CA ARG A 190 12.76 -20.26 4.98
C ARG A 190 11.34 -19.94 4.47
N SER A 191 11.08 -18.64 4.25
CA SER A 191 9.73 -18.15 3.98
C SER A 191 9.67 -17.08 2.86
N ILE A 192 8.54 -17.02 2.17
CA ILE A 192 8.32 -16.03 1.13
C ILE A 192 6.89 -15.49 1.32
N PRO A 193 6.62 -14.22 0.92
CA PRO A 193 5.26 -13.70 1.03
C PRO A 193 4.33 -14.41 0.08
N ASP A 194 3.09 -14.66 0.49
CA ASP A 194 2.21 -15.49 -0.29
C ASP A 194 0.78 -14.95 -0.42
N HIS A 195 0.57 -13.69 -0.06
CA HIS A 195 -0.76 -13.08 -0.19
C HIS A 195 -0.68 -11.56 -0.22
N TYR A 196 -1.00 -11.01 -1.38
CA TYR A 196 -0.92 -9.57 -1.71
C TYR A 196 0.51 -9.06 -1.84
N PHE A 197 1.27 -9.19 -0.77
CA PHE A 197 2.68 -8.87 -0.79
C PHE A 197 3.44 -9.88 -1.65
N LYS A 198 4.46 -9.39 -2.32
CA LYS A 198 5.35 -10.21 -3.13
C LYS A 198 6.77 -9.87 -2.72
N GLY A 199 7.72 -10.71 -3.11
CA GLY A 199 9.11 -10.45 -2.82
C GLY A 199 10.02 -11.64 -2.97
N PHE A 200 10.79 -11.91 -1.92
CA PHE A 200 11.95 -12.78 -2.01
C PHE A 200 11.99 -13.77 -0.85
N TRP A 201 12.77 -14.82 -1.02
CA TRP A 201 12.92 -15.81 0.03
C TRP A 201 13.68 -15.15 1.18
N SER A 202 13.34 -15.49 2.43
CA SER A 202 14.10 -15.05 3.57
C SER A 202 15.41 -15.82 3.61
N GLU A 203 16.27 -15.45 4.55
CA GLU A 203 17.41 -16.26 4.88
C GLU A 203 16.90 -17.59 5.47
N TRP A 204 17.75 -18.60 5.43
CA TRP A 204 17.47 -19.86 6.09
C TRP A 204 17.51 -19.68 7.58
N SER A 205 16.64 -20.41 8.29
CA SER A 205 16.84 -20.59 9.73
C SER A 205 18.21 -21.25 9.90
N PRO A 206 18.78 -21.20 11.12
CA PRO A 206 19.97 -22.04 11.32
C PRO A 206 19.60 -23.51 11.06
N SER A 207 20.59 -24.34 10.75
CA SER A 207 20.33 -25.74 10.50
C SER A 207 20.07 -26.49 11.80
N TYR A 208 19.12 -27.41 11.75
CA TYR A 208 18.80 -28.23 12.92
C TYR A 208 19.16 -29.69 12.62
N TYR A 209 19.72 -30.38 13.60
CA TYR A 209 20.20 -31.75 13.39
C TYR A 209 19.44 -32.75 14.26
N PHE A 210 18.96 -33.82 13.64
CA PHE A 210 18.27 -34.87 14.40
C PHE A 210 18.54 -36.23 13.83
N ARG A 211 18.43 -37.22 14.69
CA ARG A 211 18.74 -38.59 14.32
C ARG A 211 17.45 -39.41 14.36
N THR A 212 17.24 -40.22 13.34
CA THR A 212 16.08 -41.09 13.30
C THR A 212 16.37 -42.33 14.15
N PRO A 213 15.33 -42.94 14.76
CA PRO A 213 15.55 -44.15 15.56
C PRO A 213 16.05 -45.31 14.71
N GLU A 214 16.67 -46.28 15.37
CA GLU A 214 17.08 -47.52 14.72
C GLU A 214 15.84 -48.34 14.51
N ILE A 215 15.88 -49.23 13.52
CA ILE A 215 14.73 -50.04 13.21
C ILE A 215 15.09 -51.53 13.21
N ASN A 216 14.19 -52.36 13.73
CA ASN A 216 14.47 -53.79 13.94
C ASN A 216 14.88 -54.55 12.67
N ASP B 20 -32.73 -7.77 -12.24
CA ASP B 20 -31.99 -8.84 -12.91
C ASP B 20 -30.48 -8.61 -12.79
N ASP B 21 -30.09 -7.36 -12.61
CA ASP B 21 -28.67 -7.02 -12.51
C ASP B 21 -28.33 -6.29 -11.21
N TYR B 22 -27.50 -6.94 -10.41
CA TYR B 22 -27.14 -6.42 -9.10
C TYR B 22 -25.76 -5.78 -9.13
N SER B 23 -25.42 -5.10 -10.21
CA SER B 23 -24.12 -4.44 -10.26
C SER B 23 -24.12 -3.18 -9.39
N PHE B 24 -22.96 -2.86 -8.83
CA PHE B 24 -22.88 -1.75 -7.90
C PHE B 24 -21.55 -1.01 -8.00
N SER B 25 -21.46 0.12 -7.31
CA SER B 25 -20.19 0.82 -7.24
C SER B 25 -20.05 1.36 -5.83
N CYS B 26 -18.81 1.63 -5.44
CA CYS B 26 -18.50 2.06 -4.09
C CYS B 26 -17.51 3.21 -4.13
N TYR B 27 -17.51 3.99 -3.07
CA TYR B 27 -16.40 4.89 -2.84
C TYR B 27 -16.03 4.83 -1.37
N SER B 28 -14.74 4.92 -1.10
CA SER B 28 -14.25 5.00 0.26
C SER B 28 -13.90 6.45 0.53
N GLN B 29 -13.88 6.84 1.79
CA GLN B 29 -13.28 8.10 2.20
C GLN B 29 -12.39 7.84 3.40
N LEU B 30 -11.29 8.58 3.49
CA LEU B 30 -10.27 8.32 4.51
C LEU B 30 -10.24 9.38 5.60
N GLU B 31 -10.23 8.92 6.85
CA GLU B 31 -10.17 9.77 8.03
C GLU B 31 -11.26 10.85 8.02
N VAL B 32 -12.51 10.39 7.93
CA VAL B 32 -13.65 11.28 7.84
C VAL B 32 -14.07 11.75 9.22
N ASN B 33 -13.60 11.03 10.23
CA ASN B 33 -13.97 11.31 11.60
C ASN B 33 -12.87 10.82 12.52
N GLY B 34 -11.76 11.54 12.54
CA GLY B 34 -10.59 11.09 13.27
C GLY B 34 -9.84 10.09 12.41
N SER B 35 -9.45 8.96 12.99
CA SER B 35 -8.75 7.94 12.23
C SER B 35 -9.72 7.00 11.51
N GLN B 36 -11.01 7.23 11.63
CA GLN B 36 -11.91 6.27 11.01
C GLN B 36 -12.31 6.63 9.59
N HIS B 37 -12.42 5.60 8.77
CA HIS B 37 -12.77 5.76 7.37
C HIS B 37 -14.22 5.36 7.16
N SER B 38 -14.67 5.49 5.92
CA SER B 38 -16.01 5.07 5.52
C SER B 38 -15.99 4.41 4.17
N LEU B 39 -16.99 3.57 3.93
CA LEU B 39 -17.20 2.95 2.64
C LEU B 39 -18.69 3.06 2.30
N THR B 40 -18.99 3.38 1.04
CA THR B 40 -20.35 3.74 0.62
C THR B 40 -20.65 3.06 -0.71
N CYS B 41 -21.67 2.21 -0.72
CA CYS B 41 -21.97 1.41 -1.90
C CYS B 41 -23.43 1.60 -2.31
N ALA B 42 -23.71 1.50 -3.60
CA ALA B 42 -25.05 1.65 -4.12
C ALA B 42 -25.15 0.95 -5.45
N PHE B 43 -26.32 0.36 -5.72
CA PHE B 43 -26.56 -0.28 -7.01
C PHE B 43 -26.55 0.73 -8.16
N GLU B 44 -26.02 0.32 -9.31
CA GLU B 44 -26.04 1.18 -10.47
C GLU B 44 -27.47 1.39 -10.99
N ASP B 45 -28.33 0.39 -10.80
CA ASP B 45 -29.74 0.52 -11.18
C ASP B 45 -30.57 1.10 -10.03
N PRO B 46 -31.09 2.32 -10.21
CA PRO B 46 -31.78 3.04 -9.13
C PRO B 46 -33.09 2.37 -8.76
N ASP B 47 -33.59 1.48 -9.62
CA ASP B 47 -34.89 0.86 -9.38
C ASP B 47 -34.81 -0.49 -8.68
N VAL B 48 -33.60 -0.95 -8.37
CA VAL B 48 -33.44 -2.21 -7.66
C VAL B 48 -34.18 -2.19 -6.32
N ASN B 49 -34.93 -3.25 -6.04
CA ASN B 49 -35.57 -3.46 -4.75
C ASN B 49 -34.52 -3.86 -3.74
N THR B 50 -34.16 -2.97 -2.83
CA THR B 50 -33.10 -3.23 -1.87
C THR B 50 -33.62 -3.76 -0.55
N THR B 51 -34.93 -3.99 -0.47
CA THR B 51 -35.57 -4.36 0.79
C THR B 51 -34.93 -5.55 1.51
N ASN B 52 -34.54 -6.57 0.74
CA ASN B 52 -33.92 -7.76 1.32
C ASN B 52 -32.51 -8.03 0.82
N LEU B 53 -31.87 -7.01 0.28
CA LEU B 53 -30.48 -7.12 -0.14
C LEU B 53 -29.59 -6.52 0.91
N GLU B 54 -28.55 -7.25 1.28
CA GLU B 54 -27.58 -6.72 2.21
C GLU B 54 -26.23 -6.64 1.51
N PHE B 55 -25.30 -5.92 2.12
CA PHE B 55 -23.93 -5.80 1.64
C PHE B 55 -23.00 -6.23 2.75
N GLU B 56 -21.91 -6.88 2.37
CA GLU B 56 -20.90 -7.25 3.33
C GLU B 56 -19.50 -7.09 2.72
N ILE B 57 -18.52 -6.74 3.54
CA ILE B 57 -17.14 -6.67 3.05
C ILE B 57 -16.30 -7.66 3.85
N CYS B 58 -15.44 -8.41 3.15
CA CYS B 58 -14.52 -9.37 3.80
C CYS B 58 -13.11 -9.28 3.22
N GLY B 59 -12.11 -9.34 4.09
CA GLY B 59 -10.72 -9.32 3.67
C GLY B 59 -10.07 -7.95 3.72
N ALA B 60 -8.76 -7.93 3.96
CA ALA B 60 -7.99 -6.71 4.18
C ALA B 60 -8.61 -5.85 5.27
N LEU B 61 -9.13 -6.49 6.31
CA LEU B 61 -9.66 -5.77 7.45
C LEU B 61 -8.74 -6.00 8.66
N VAL B 62 -8.80 -5.09 9.62
CA VAL B 62 -7.97 -5.21 10.82
C VAL B 62 -8.59 -6.14 11.85
N GLU B 63 -8.02 -7.34 11.97
CA GLU B 63 -8.38 -8.31 12.99
C GLU B 63 -9.88 -8.56 13.08
N VAL B 64 -10.44 -9.03 11.97
CA VAL B 64 -11.86 -9.23 11.79
C VAL B 64 -11.95 -9.82 10.39
N LYS B 65 -12.87 -10.75 10.18
CA LYS B 65 -12.99 -11.35 8.85
C LYS B 65 -13.88 -10.51 7.93
N CYS B 66 -15.04 -10.11 8.45
CA CYS B 66 -16.05 -9.40 7.66
C CYS B 66 -16.70 -8.29 8.46
N LEU B 67 -17.26 -7.31 7.74
CA LEU B 67 -18.10 -6.29 8.35
C LEU B 67 -19.40 -6.20 7.53
N ASN B 68 -20.50 -5.90 8.22
CA ASN B 68 -21.79 -5.69 7.56
C ASN B 68 -22.03 -4.21 7.30
N PHE B 69 -22.47 -3.86 6.11
CA PHE B 69 -22.90 -2.50 5.86
C PHE B 69 -24.21 -2.19 6.57
N ARG B 70 -24.46 -0.90 6.81
CA ARG B 70 -25.77 -0.48 7.29
C ARG B 70 -26.48 0.10 6.09
N LYS B 71 -27.73 -0.28 5.92
CA LYS B 71 -28.52 0.16 4.77
CA LYS B 71 -28.54 0.14 4.78
C LYS B 71 -29.34 1.38 5.13
N LEU B 72 -29.26 2.41 4.30
CA LEU B 72 -30.07 3.59 4.51
C LEU B 72 -30.43 4.22 3.18
N GLN B 73 -31.72 4.39 2.92
CA GLN B 73 -32.18 5.13 1.74
C GLN B 73 -31.56 4.59 0.44
N GLU B 74 -31.54 3.26 0.30
CA GLU B 74 -30.96 2.56 -0.86
C GLU B 74 -29.42 2.56 -0.87
N ILE B 75 -28.81 3.21 0.11
CA ILE B 75 -27.35 3.31 0.14
C ILE B 75 -26.81 2.45 1.27
N TYR B 76 -25.61 1.90 1.10
CA TYR B 76 -25.00 1.09 2.15
C TYR B 76 -23.69 1.71 2.66
N PHE B 77 -23.59 1.84 3.98
CA PHE B 77 -22.51 2.57 4.62
C PHE B 77 -21.78 1.71 5.66
N ILE B 78 -20.47 1.83 5.69
CA ILE B 78 -19.74 1.43 6.88
C ILE B 78 -18.84 2.57 7.31
N GLU B 79 -18.83 2.89 8.60
CA GLU B 79 -17.81 3.78 9.15
C GLU B 79 -16.94 2.97 10.11
N THR B 80 -15.64 2.88 9.85
CA THR B 80 -14.77 2.01 10.65
C THR B 80 -13.29 2.39 10.61
N LYS B 81 -12.56 2.00 11.65
CA LYS B 81 -11.10 2.12 11.68
C LYS B 81 -10.45 0.85 11.13
N LYS B 82 -11.27 -0.16 10.86
CA LYS B 82 -10.77 -1.51 10.60
C LYS B 82 -10.35 -1.85 9.18
N PHE B 83 -10.34 -0.87 8.27
CA PHE B 83 -9.80 -1.07 6.93
C PHE B 83 -8.29 -1.08 7.03
N LEU B 84 -7.65 -2.03 6.36
CA LEU B 84 -6.19 -2.15 6.38
C LEU B 84 -5.56 -1.23 5.35
N LEU B 85 -6.33 -0.93 4.30
CA LEU B 85 -5.93 -0.08 3.19
C LEU B 85 -4.74 -0.63 2.40
N ILE B 86 -4.23 -1.79 2.80
CA ILE B 86 -3.20 -2.44 2.01
C ILE B 86 -3.79 -3.80 1.60
N GLY B 87 -3.88 -4.04 0.29
CA GLY B 87 -4.49 -5.27 -0.21
C GLY B 87 -5.92 -5.04 -0.68
N LYS B 88 -6.50 -6.06 -1.31
CA LYS B 88 -7.87 -6.00 -1.81
C LYS B 88 -8.88 -6.54 -0.81
N SER B 89 -10.12 -6.08 -0.90
CA SER B 89 -11.23 -6.57 -0.08
C SER B 89 -12.29 -7.18 -0.97
N ASN B 90 -13.13 -8.04 -0.39
CA ASN B 90 -14.28 -8.58 -1.08
C ASN B 90 -15.60 -8.01 -0.59
N ILE B 91 -16.29 -7.31 -1.48
CA ILE B 91 -17.59 -6.73 -1.20
C ILE B 91 -18.70 -7.50 -1.91
N CYS B 92 -19.62 -8.07 -1.15
CA CYS B 92 -20.65 -8.93 -1.72
C CYS B 92 -22.04 -8.42 -1.41
N VAL B 93 -22.94 -8.59 -2.39
CA VAL B 93 -24.36 -8.37 -2.21
C VAL B 93 -24.98 -9.70 -1.81
N LYS B 94 -25.67 -9.73 -0.67
CA LYS B 94 -26.22 -10.97 -0.15
C LYS B 94 -27.74 -10.88 -0.01
N VAL B 95 -28.41 -11.98 -0.31
CA VAL B 95 -29.78 -12.14 0.15
C VAL B 95 -29.83 -13.37 1.07
N GLY B 96 -30.15 -13.12 2.33
CA GLY B 96 -29.93 -14.11 3.37
C GLY B 96 -28.46 -14.45 3.38
N GLU B 97 -28.16 -15.75 3.32
CA GLU B 97 -26.78 -16.21 3.27
C GLU B 97 -26.31 -16.33 1.83
N LYS B 98 -27.24 -16.19 0.90
CA LYS B 98 -26.95 -16.38 -0.52
C LYS B 98 -26.24 -15.16 -1.13
N SER B 99 -25.04 -15.39 -1.63
CA SER B 99 -24.20 -14.33 -2.18
C SER B 99 -24.59 -14.09 -3.63
N LEU B 100 -25.19 -12.94 -3.92
CA LEU B 100 -25.66 -12.67 -5.28
C LEU B 100 -24.53 -12.33 -6.24
N THR B 101 -23.80 -11.27 -5.93
CA THR B 101 -22.67 -10.86 -6.74
C THR B 101 -21.60 -10.32 -5.81
N CYS B 102 -20.34 -10.42 -6.24
CA CYS B 102 -19.20 -10.01 -5.44
C CYS B 102 -18.26 -9.17 -6.28
N LYS B 103 -17.41 -8.42 -5.60
CA LYS B 103 -16.43 -7.57 -6.26
C LYS B 103 -15.20 -7.49 -5.35
N LYS B 104 -14.03 -7.80 -5.91
CA LYS B 104 -12.78 -7.63 -5.20
C LYS B 104 -12.32 -6.22 -5.46
N ILE B 105 -12.10 -5.44 -4.40
CA ILE B 105 -11.76 -4.02 -4.55
C ILE B 105 -10.66 -3.60 -3.59
N ASP B 106 -9.63 -2.94 -4.12
CA ASP B 106 -8.63 -2.29 -3.28
C ASP B 106 -9.22 -0.93 -2.88
N LEU B 107 -9.45 -0.75 -1.59
CA LEU B 107 -10.11 0.44 -1.06
C LEU B 107 -9.38 1.75 -1.35
N THR B 108 -8.09 1.67 -1.68
CA THR B 108 -7.28 2.84 -1.98
C THR B 108 -7.41 3.25 -3.45
N THR B 109 -8.14 2.46 -4.22
CA THR B 109 -8.36 2.76 -5.64
C THR B 109 -9.74 3.35 -5.91
N ILE B 110 -10.55 3.50 -4.87
CA ILE B 110 -11.89 4.08 -5.02
C ILE B 110 -12.15 5.27 -4.07
N VAL B 111 -11.08 5.99 -3.73
CA VAL B 111 -11.18 7.07 -2.77
C VAL B 111 -11.88 8.30 -3.37
N LYS B 112 -12.83 8.85 -2.61
CA LYS B 112 -13.44 10.12 -2.95
C LYS B 112 -12.98 11.13 -1.91
N PRO B 113 -12.10 12.06 -2.30
CA PRO B 113 -11.59 13.02 -1.32
C PRO B 113 -12.71 13.85 -0.70
N GLU B 114 -12.48 14.37 0.50
CA GLU B 114 -13.38 15.38 1.00
C GLU B 114 -13.25 16.58 0.07
N ALA B 115 -14.28 17.41 0.04
CA ALA B 115 -14.28 18.63 -0.78
C ALA B 115 -13.27 19.64 -0.25
N PRO B 116 -12.65 20.41 -1.16
CA PRO B 116 -11.86 21.53 -0.66
C PRO B 116 -12.80 22.55 0.01
N PHE B 117 -12.24 23.52 0.72
CA PHE B 117 -13.05 24.46 1.49
C PHE B 117 -12.29 25.76 1.80
N ASP B 118 -12.96 26.70 2.46
CA ASP B 118 -12.40 28.01 2.79
C ASP B 118 -11.73 28.66 1.59
N LEU B 119 -12.41 28.61 0.45
CA LEU B 119 -11.94 29.24 -0.77
C LEU B 119 -11.80 30.75 -0.54
N SER B 120 -10.75 31.34 -1.08
CA SER B 120 -10.54 32.78 -0.86
C SER B 120 -9.87 33.41 -2.07
N VAL B 121 -10.17 34.67 -2.28
CA VAL B 121 -9.64 35.41 -3.39
C VAL B 121 -9.02 36.69 -2.87
N VAL B 122 -7.80 36.96 -3.31
CA VAL B 122 -7.07 38.14 -2.91
C VAL B 122 -6.68 38.89 -4.17
N TYR B 123 -6.80 40.21 -4.12
CA TYR B 123 -6.35 41.04 -5.21
C TYR B 123 -5.00 41.68 -4.90
N ARG B 124 -4.06 41.55 -5.82
CA ARG B 124 -2.79 42.23 -5.65
C ARG B 124 -2.70 43.30 -6.71
N GLU B 125 -2.81 44.55 -6.28
CA GLU B 125 -2.83 45.70 -7.18
C GLU B 125 -1.52 45.81 -7.95
N GLY B 126 -0.41 45.62 -7.24
CA GLY B 126 0.91 45.70 -7.86
C GLY B 126 1.12 44.72 -8.99
N ALA B 127 0.65 43.49 -8.81
CA ALA B 127 0.78 42.47 -9.84
C ALA B 127 -0.40 42.47 -10.81
N ASN B 128 -1.42 43.25 -10.52
CA ASN B 128 -2.67 43.23 -11.29
C ASN B 128 -3.19 41.81 -11.46
N ASP B 129 -3.19 41.05 -10.37
CA ASP B 129 -3.70 39.69 -10.43
C ASP B 129 -4.52 39.30 -9.21
N PHE B 130 -5.08 38.11 -9.28
CA PHE B 130 -5.89 37.56 -8.22
C PHE B 130 -5.22 36.29 -7.70
N VAL B 131 -5.07 36.21 -6.38
CA VAL B 131 -4.54 34.97 -5.78
C VAL B 131 -5.69 34.19 -5.16
N VAL B 132 -5.94 33.03 -5.74
CA VAL B 132 -7.05 32.18 -5.32
C VAL B 132 -6.49 31.02 -4.51
N THR B 133 -6.85 30.95 -3.24
CA THR B 133 -6.38 29.84 -2.42
C THR B 133 -7.58 29.09 -1.85
N PHE B 134 -7.32 27.87 -1.39
CA PHE B 134 -8.34 27.03 -0.81
C PHE B 134 -7.70 26.05 0.15
N ASN B 135 -8.50 25.50 1.02
CA ASN B 135 -8.02 24.60 2.03
C ASN B 135 -8.35 23.15 1.66
N THR B 136 -7.54 22.23 2.15
CA THR B 136 -7.68 20.79 1.87
C THR B 136 -7.54 20.06 3.22
N SER B 137 -7.70 18.62 3.11
CA SER B 137 -7.47 17.69 4.23
C SER B 137 -6.14 17.77 4.94
N HIS B 138 -6.28 17.50 6.28
CA HIS B 138 -5.10 16.99 6.98
C HIS B 138 -4.28 15.95 6.20
N LEU B 139 -4.95 15.05 5.49
CA LEU B 139 -4.28 13.95 4.79
C LEU B 139 -3.43 14.30 3.55
N GLN B 140 -3.85 15.29 2.77
CA GLN B 140 -3.10 15.71 1.57
C GLN B 140 -1.79 16.36 1.98
N LYS B 141 -1.69 16.68 3.26
CA LYS B 141 -0.46 17.19 3.84
C LYS B 141 0.38 16.04 4.42
N LYS B 142 -0.27 15.09 5.09
CA LYS B 142 0.39 13.88 5.60
C LYS B 142 0.87 12.98 4.46
N TYR B 143 -0.08 12.51 3.66
CA TYR B 143 0.24 11.88 2.38
C TYR B 143 0.53 13.07 1.47
N VAL B 144 1.80 13.24 1.10
CA VAL B 144 2.27 14.53 0.63
C VAL B 144 1.79 15.02 -0.76
N LYS B 145 1.99 14.26 -1.81
CA LYS B 145 1.73 14.78 -3.16
C LYS B 145 0.52 14.19 -3.89
N VAL B 146 -0.46 13.67 -3.15
CA VAL B 146 -1.41 12.73 -3.74
C VAL B 146 -2.63 13.28 -4.53
N LEU B 147 -3.13 14.46 -4.21
CA LEU B 147 -4.32 14.95 -4.90
C LEU B 147 -4.01 15.93 -6.02
N MET B 148 -4.85 15.91 -7.05
CA MET B 148 -4.85 16.96 -8.04
C MET B 148 -6.16 17.74 -7.84
N HIS B 149 -6.11 19.05 -8.02
CA HIS B 149 -7.30 19.87 -7.82
C HIS B 149 -7.80 20.47 -9.12
N ASP B 150 -9.10 20.74 -9.16
CA ASP B 150 -9.71 21.32 -10.34
C ASP B 150 -10.46 22.58 -9.92
N VAL B 151 -9.94 23.74 -10.35
CA VAL B 151 -10.57 25.01 -10.03
C VAL B 151 -11.40 25.43 -11.22
N ALA B 152 -12.69 25.68 -11.00
CA ALA B 152 -13.56 26.11 -12.09
C ALA B 152 -14.07 27.51 -11.82
N TYR B 153 -14.05 28.35 -12.84
CA TYR B 153 -14.66 29.66 -12.70
C TYR B 153 -15.37 30.11 -13.95
N ARG B 154 -16.29 31.06 -13.79
CA ARG B 154 -17.00 31.64 -14.92
C ARG B 154 -17.65 32.95 -14.49
N GLN B 155 -18.00 33.79 -15.46
CA GLN B 155 -18.79 34.97 -15.18
C GLN B 155 -20.12 34.44 -14.64
N GLU B 156 -20.56 34.99 -13.51
CA GLU B 156 -21.63 34.35 -12.72
C GLU B 156 -22.93 34.16 -13.51
N LYS B 157 -23.25 35.14 -14.35
CA LYS B 157 -24.35 35.00 -15.28
C LYS B 157 -23.90 35.43 -16.67
N ASP B 158 -24.69 35.07 -17.68
CA ASP B 158 -24.38 35.25 -19.11
C ASP B 158 -23.51 34.11 -19.66
N GLU B 159 -22.30 33.97 -19.13
CA GLU B 159 -21.37 32.93 -19.59
C GLU B 159 -21.90 31.52 -19.34
N ASN B 160 -21.83 30.66 -20.36
CA ASN B 160 -22.37 29.30 -20.26
C ASN B 160 -21.41 28.33 -19.57
N LYS B 161 -20.26 28.07 -20.17
CA LYS B 161 -19.35 27.06 -19.64
C LYS B 161 -18.22 27.64 -18.76
N TRP B 162 -17.66 26.77 -17.94
CA TRP B 162 -16.68 27.11 -16.95
C TRP B 162 -15.27 27.06 -17.52
N THR B 163 -14.37 27.82 -16.90
CA THR B 163 -12.96 27.70 -17.21
C THR B 163 -12.31 26.87 -16.12
N HIS B 164 -11.63 25.80 -16.54
CA HIS B 164 -11.00 24.84 -15.61
C HIS B 164 -9.49 24.97 -15.61
N VAL B 165 -8.90 24.96 -14.43
CA VAL B 165 -7.44 24.89 -14.29
C VAL B 165 -7.08 23.76 -13.35
N ASN B 166 -6.27 22.81 -13.80
CA ASN B 166 -5.75 21.75 -12.93
C ASN B 166 -4.51 22.17 -12.17
N LEU B 167 -4.43 21.85 -10.88
CA LEU B 167 -3.18 22.07 -10.15
C LEU B 167 -2.95 21.09 -9.01
N SER B 168 -1.71 21.02 -8.53
CA SER B 168 -1.35 20.12 -7.43
C SER B 168 -1.22 20.86 -6.11
N SER B 169 -1.12 22.19 -6.17
CA SER B 169 -1.00 22.97 -4.96
C SER B 169 -2.33 23.63 -4.66
N THR B 170 -2.37 24.43 -3.61
CA THR B 170 -3.60 25.06 -3.15
C THR B 170 -3.61 26.57 -3.45
N LYS B 171 -2.89 26.99 -4.48
CA LYS B 171 -2.76 28.40 -4.79
C LYS B 171 -2.70 28.58 -6.29
N LEU B 172 -3.55 29.47 -6.80
CA LEU B 172 -3.66 29.72 -8.24
C LEU B 172 -3.73 31.22 -8.48
N THR B 173 -3.08 31.68 -9.55
CA THR B 173 -3.10 33.10 -9.89
C THR B 173 -3.95 33.32 -11.14
N LEU B 174 -4.82 34.32 -11.09
CA LEU B 174 -5.58 34.74 -12.28
C LEU B 174 -5.23 36.18 -12.60
N LEU B 175 -4.83 36.44 -13.83
CA LEU B 175 -4.52 37.82 -14.23
C LEU B 175 -5.79 38.65 -14.30
N GLN B 176 -5.77 39.81 -13.65
CA GLN B 176 -6.92 40.71 -13.65
C GLN B 176 -7.41 41.00 -15.06
N ARG B 177 -6.48 41.11 -16.00
CA ARG B 177 -6.84 41.54 -17.36
C ARG B 177 -7.26 40.38 -18.28
N LYS B 178 -7.31 39.17 -17.71
CA LYS B 178 -7.90 38.03 -18.38
C LYS B 178 -9.32 37.76 -17.88
N LEU B 179 -9.82 38.66 -17.03
CA LEU B 179 -11.21 38.62 -16.57
C LEU B 179 -11.91 39.90 -16.96
N GLN B 180 -13.21 39.80 -17.16
CA GLN B 180 -14.06 40.94 -17.47
C GLN B 180 -14.03 41.91 -16.27
N PRO B 181 -13.92 43.22 -16.55
CA PRO B 181 -13.96 44.31 -15.55
C PRO B 181 -15.35 44.52 -14.94
N ALA B 182 -15.41 44.89 -13.66
CA ALA B 182 -16.67 45.24 -12.98
C ALA B 182 -17.71 44.15 -13.11
N ALA B 183 -17.26 42.90 -13.03
CA ALA B 183 -18.11 41.74 -13.30
C ALA B 183 -18.06 40.74 -12.15
N MET B 184 -19.20 40.08 -11.87
CA MET B 184 -19.29 39.10 -10.81
C MET B 184 -18.78 37.77 -11.33
N TYR B 185 -17.84 37.18 -10.61
CA TYR B 185 -17.35 35.86 -11.00
C TYR B 185 -17.72 34.84 -9.95
N GLU B 186 -17.98 33.62 -10.42
CA GLU B 186 -18.19 32.49 -9.55
C GLU B 186 -17.00 31.57 -9.67
N ILE B 187 -16.52 31.08 -8.54
CA ILE B 187 -15.37 30.19 -8.58
C ILE B 187 -15.56 29.07 -7.55
N LYS B 188 -15.17 27.86 -7.94
CA LYS B 188 -15.29 26.70 -7.05
C LYS B 188 -14.19 25.68 -7.37
N VAL B 189 -13.96 24.75 -6.45
CA VAL B 189 -12.84 23.83 -6.56
C VAL B 189 -13.25 22.41 -6.15
N ARG B 190 -12.62 21.41 -6.75
CA ARG B 190 -12.79 20.02 -6.34
C ARG B 190 -11.48 19.25 -6.48
N SER B 191 -11.42 18.06 -5.88
CA SER B 191 -10.19 17.26 -5.87
C SER B 191 -10.40 15.80 -6.26
N ILE B 192 -9.34 15.20 -6.79
CA ILE B 192 -9.38 13.78 -7.17
C ILE B 192 -8.02 13.15 -6.85
N PRO B 193 -7.99 11.87 -6.41
CA PRO B 193 -6.69 11.24 -6.17
C PRO B 193 -5.87 11.20 -7.45
N ASP B 194 -4.59 11.54 -7.35
CA ASP B 194 -3.77 11.72 -8.52
C ASP B 194 -2.56 10.80 -8.48
N HIS B 195 -2.00 10.56 -7.30
CA HIS B 195 -0.86 9.67 -7.14
C HIS B 195 -1.11 8.62 -6.06
N TYR B 196 -0.66 7.40 -6.34
CA TYR B 196 -0.64 6.30 -5.38
C TYR B 196 -2.07 5.83 -5.14
N PHE B 197 -2.87 6.69 -4.53
CA PHE B 197 -4.30 6.46 -4.43
C PHE B 197 -4.91 6.65 -5.81
N LYS B 198 -6.07 6.04 -6.01
CA LYS B 198 -6.92 6.34 -7.17
C LYS B 198 -8.35 6.49 -6.67
N GLY B 199 -9.23 7.06 -7.49
CA GLY B 199 -10.60 7.21 -7.05
C GLY B 199 -11.38 8.21 -7.87
N PHE B 200 -12.16 9.03 -7.18
CA PHE B 200 -13.22 9.83 -7.82
C PHE B 200 -13.17 11.31 -7.42
N TRP B 201 -13.81 12.17 -8.22
CA TRP B 201 -13.85 13.59 -7.92
C TRP B 201 -14.54 13.81 -6.59
N SER B 202 -14.02 14.69 -5.75
CA SER B 202 -14.77 15.12 -4.58
C SER B 202 -15.99 15.92 -5.04
N GLU B 203 -16.86 16.22 -4.08
CA GLU B 203 -17.93 17.18 -4.29
C GLU B 203 -17.27 18.53 -4.55
N TRP B 204 -17.97 19.43 -5.21
CA TRP B 204 -17.46 20.80 -5.37
C TRP B 204 -17.39 21.48 -4.02
N SER B 205 -16.42 22.38 -3.86
CA SER B 205 -16.41 23.28 -2.72
C SER B 205 -17.62 24.20 -2.88
N PRO B 206 -18.06 24.84 -1.80
CA PRO B 206 -19.00 25.95 -1.94
C PRO B 206 -18.42 26.98 -2.90
N SER B 207 -19.26 27.61 -3.70
CA SER B 207 -18.79 28.59 -4.67
C SER B 207 -18.38 29.87 -3.95
N TYR B 208 -17.36 30.52 -4.47
CA TYR B 208 -17.02 31.86 -4.02
C TYR B 208 -17.40 32.86 -5.12
N TYR B 209 -18.00 33.97 -4.73
CA TYR B 209 -18.42 35.00 -5.68
C TYR B 209 -17.68 36.31 -5.38
N PHE B 210 -17.09 36.93 -6.41
CA PHE B 210 -16.44 38.22 -6.21
C PHE B 210 -16.59 39.10 -7.43
N ARG B 211 -16.48 40.40 -7.24
CA ARG B 211 -16.62 41.36 -8.33
C ARG B 211 -15.28 42.01 -8.65
N THR B 212 -14.88 41.92 -9.90
CA THR B 212 -13.60 42.47 -10.36
C THR B 212 -13.59 44.00 -10.35
N PRO B 213 -12.40 44.60 -10.27
CA PRO B 213 -12.23 46.05 -10.26
C PRO B 213 -12.80 46.73 -11.49
N GLU B 214 -13.38 47.90 -11.31
CA GLU B 214 -13.80 48.72 -12.44
C GLU B 214 -12.57 49.40 -13.07
N ILE B 215 -12.73 49.87 -14.30
CA ILE B 215 -11.63 50.52 -14.99
C ILE B 215 -12.05 51.86 -15.63
#